data_8VA6
#
_entry.id   8VA6
#
_cell.length_a   48.395
_cell.length_b   80.181
_cell.length_c   124.924
_cell.angle_alpha   90.000
_cell.angle_beta   90.000
_cell.angle_gamma   90.000
#
_symmetry.space_group_name_H-M   'P 21 21 21'
#
loop_
_entity.id
_entity.type
_entity.pdbx_description
1 polymer Menin
2 non-polymer Ziftomenib
3 non-polymer DI(HYDROXYETHYL)ETHER
4 non-polymer 'SULFATE ION'
5 non-polymer 'DIMETHYL SULFOXIDE'
6 non-polymer 'TETRAETHYLENE GLYCOL'
7 non-polymer 1,2-ETHANEDIOL
8 water water
#
_entity_poly.entity_id   1
_entity_poly.type   'polypeptide(L)'
_entity_poly.pdbx_seq_one_letter_code
;GGSSSMGLKAAQKTLFPLRSIDDVVRLFAAELGREEPDLVLLSLVLGFVEHFLAVNRVGLTYFPVADLSIIAALYARFTA
QIRGAVDLSLYPREGGVSSRELVKKVSDVIWNSLSRSYFKDRAHIQSLFSFITGTKLDSSGVAFAVVGACQALGLRDVHL
ALSEDHAWVVFGPNGEQTAEVTWHGKGNEDRRGQTVNAGVAERSWLYLKGSYMRCDRKMEVAFMVCAINPSIDLHTDSLE
LLQLQQKLLWLLYDLGHLERYPMALGNLADLEELEPTPGRPDPLTLYHKGIASAKTYYRDEHIYPYMYLAGYHCRNRNVR
EALQAWADTATVIQDYNYCREDEEIYKEFFEVANDVIPNLLKEAASLLEAGSQGSALQDPECFAHLLRFYDGICKWEEGS
PTPVLHVGWATFLVQSLGRFEGQVRQKVRIVSVPAPTASPPPEGPVLTFQSEKMKGMKELLVATKINSSAIKLQLTAQSQ
VQMKKQKVS
;
_entity_poly.pdbx_strand_id   A
#
loop_
_chem_comp.id
_chem_comp.type
_chem_comp.name
_chem_comp.formula
DMS non-polymer 'DIMETHYL SULFOXIDE' 'C2 H6 O S'
EDO non-polymer 1,2-ETHANEDIOL 'C2 H6 O2'
K5O non-polymer Ziftomenib 'C33 H42 F3 N9 O2 S2'
PEG non-polymer DI(HYDROXYETHYL)ETHER 'C4 H10 O3'
PG4 non-polymer 'TETRAETHYLENE GLYCOL' 'C8 H18 O5'
SO4 non-polymer 'SULFATE ION' 'O4 S -2'
#
# COMPACT_ATOMS: atom_id res chain seq x y z
C GLY A 7 31.22 -9.00 6.83
N LEU A 8 31.04 -7.93 7.61
CA LEU A 8 31.02 -6.55 7.13
C LEU A 8 32.41 -6.17 6.65
N LYS A 9 32.46 -5.25 5.67
CA LYS A 9 33.71 -4.71 5.17
C LYS A 9 34.15 -3.54 6.03
N ALA A 10 35.47 -3.27 6.06
CA ALA A 10 35.98 -2.20 6.89
C ALA A 10 35.26 -0.87 6.64
N ALA A 11 34.99 -0.53 5.37
CA ALA A 11 34.41 0.76 5.00
C ALA A 11 32.97 0.91 5.49
N GLN A 12 32.27 -0.22 5.68
CA GLN A 12 30.95 -0.20 6.24
C GLN A 12 30.96 0.11 7.74
N LYS A 13 32.10 -0.01 8.43
CA LYS A 13 32.10 0.04 9.89
C LYS A 13 32.56 1.40 10.45
N THR A 14 33.03 2.32 9.59
CA THR A 14 33.69 3.55 10.03
C THR A 14 32.72 4.57 10.66
N LEU A 15 31.42 4.53 10.34
CA LEU A 15 30.49 5.47 10.94
C LEU A 15 30.00 5.03 12.32
N PHE A 16 30.28 3.79 12.71
CA PHE A 16 29.81 3.41 14.04
C PHE A 16 30.69 4.06 15.11
N PRO A 17 30.16 4.33 16.32
CA PRO A 17 28.76 4.06 16.70
C PRO A 17 27.78 5.07 16.12
N LEU A 18 26.52 4.65 15.92
CA LEU A 18 25.49 5.56 15.48
C LEU A 18 24.81 6.17 16.70
N ARG A 19 24.93 7.50 16.87
CA ARG A 19 24.47 8.11 18.10
C ARG A 19 23.25 9.01 17.96
N SER A 20 22.75 9.11 16.72
CA SER A 20 21.66 10.03 16.42
C SER A 20 20.95 9.59 15.13
N ILE A 21 19.78 10.21 14.92
CA ILE A 21 19.03 10.07 13.69
C ILE A 21 19.93 10.40 12.52
N ASP A 22 20.67 11.51 12.62
CA ASP A 22 21.47 11.93 11.50
C ASP A 22 22.57 10.91 11.23
N ASP A 23 23.15 10.29 12.28
CA ASP A 23 24.15 9.26 12.07
C ASP A 23 23.57 8.06 11.29
N VAL A 24 22.30 7.69 11.56
CA VAL A 24 21.65 6.64 10.78
C VAL A 24 21.49 7.07 9.32
N VAL A 25 21.09 8.34 9.09
CA VAL A 25 20.99 8.88 7.76
C VAL A 25 22.34 8.81 7.04
N ARG A 26 23.45 9.15 7.73
CA ARG A 26 24.75 9.05 7.10
C ARG A 26 25.10 7.62 6.67
N LEU A 27 24.71 6.63 7.49
CA LEU A 27 24.94 5.24 7.17
C LEU A 27 24.19 4.86 5.90
N PHE A 28 22.91 5.28 5.82
CA PHE A 28 22.13 4.98 4.62
C PHE A 28 22.70 5.68 3.39
N ALA A 29 23.17 6.90 3.54
CA ALA A 29 23.79 7.62 2.43
C ALA A 29 25.04 6.87 1.95
N ALA A 30 25.85 6.40 2.89
CA ALA A 30 27.06 5.68 2.53
C ALA A 30 26.74 4.38 1.79
N GLU A 31 25.80 3.60 2.34
CA GLU A 31 25.40 2.37 1.69
C GLU A 31 24.82 2.61 0.30
N LEU A 32 24.03 3.70 0.13
CA LEU A 32 23.35 3.93 -1.13
C LEU A 32 24.35 4.43 -2.17
N GLY A 33 25.52 4.82 -1.71
CA GLY A 33 26.59 5.24 -2.61
C GLY A 33 27.48 4.07 -3.03
N ARG A 34 27.26 2.91 -2.40
CA ARG A 34 28.07 1.73 -2.69
C ARG A 34 27.46 1.06 -3.91
N GLU A 35 28.29 0.19 -4.50
CA GLU A 35 27.88 -0.70 -5.57
C GLU A 35 26.48 -1.26 -5.30
N GLU A 36 26.30 -1.96 -4.17
CA GLU A 36 25.05 -2.55 -3.75
C GLU A 36 24.87 -2.24 -2.26
N PRO A 37 23.83 -1.48 -1.85
CA PRO A 37 23.59 -1.28 -0.43
C PRO A 37 23.34 -2.61 0.27
N ASP A 38 23.84 -2.70 1.52
CA ASP A 38 23.78 -3.94 2.26
C ASP A 38 22.44 -4.01 2.99
N LEU A 39 21.49 -4.82 2.48
CA LEU A 39 20.15 -4.86 3.02
C LEU A 39 20.12 -5.37 4.45
N VAL A 40 20.98 -6.34 4.74
CA VAL A 40 21.04 -6.99 6.05
C VAL A 40 21.51 -5.98 7.11
N LEU A 41 22.60 -5.27 6.80
CA LEU A 41 23.11 -4.26 7.70
C LEU A 41 22.03 -3.21 7.98
N LEU A 42 21.37 -2.72 6.92
CA LEU A 42 20.48 -1.59 7.07
C LEU A 42 19.21 -1.98 7.84
N SER A 43 18.66 -3.18 7.57
CA SER A 43 17.47 -3.64 8.27
C SER A 43 17.76 -3.93 9.75
N LEU A 44 18.96 -4.46 10.04
CA LEU A 44 19.33 -4.71 11.42
C LEU A 44 19.40 -3.38 12.16
N VAL A 45 20.01 -2.35 11.57
CA VAL A 45 20.11 -1.04 12.19
C VAL A 45 18.70 -0.47 12.44
N LEU A 46 17.83 -0.49 11.42
CA LEU A 46 16.50 0.08 11.60
C LEU A 46 15.72 -0.66 12.67
N GLY A 47 15.80 -2.00 12.67
CA GLY A 47 15.10 -2.78 13.67
C GLY A 47 15.59 -2.53 15.10
N PHE A 48 16.91 -2.35 15.23
CA PHE A 48 17.53 -2.02 16.51
C PHE A 48 16.94 -0.71 17.02
N VAL A 49 16.98 0.34 16.18
N VAL A 49 17.07 0.33 16.18
CA VAL A 49 16.58 1.67 16.66
CA VAL A 49 16.61 1.65 16.56
C VAL A 49 15.07 1.73 16.86
C VAL A 49 15.12 1.63 16.91
N GLU A 50 14.29 0.99 16.07
CA GLU A 50 12.86 0.87 16.28
C GLU A 50 12.56 0.16 17.58
N HIS A 51 13.29 -0.91 17.89
CA HIS A 51 13.05 -1.66 19.11
C HIS A 51 13.19 -0.72 20.33
N PHE A 52 14.26 0.08 20.34
CA PHE A 52 14.60 0.90 21.51
C PHE A 52 13.93 2.28 21.47
N LEU A 53 13.15 2.60 20.44
CA LEU A 53 12.38 3.84 20.39
C LEU A 53 10.90 3.56 20.45
N ALA A 54 10.39 2.36 20.07
CA ALA A 54 8.96 2.09 20.05
C ALA A 54 8.58 0.87 20.89
N VAL A 55 9.46 -0.14 21.01
CA VAL A 55 9.05 -1.36 21.68
C VAL A 55 9.39 -1.25 23.16
N ASN A 56 10.59 -0.76 23.48
CA ASN A 56 11.09 -0.67 24.85
C ASN A 56 11.96 0.58 25.00
N ARG A 57 11.36 1.65 25.56
CA ARG A 57 11.99 2.95 25.75
C ARG A 57 12.62 3.10 27.14
N VAL A 58 12.68 2.02 27.92
CA VAL A 58 13.35 2.06 29.22
C VAL A 58 14.79 2.53 29.06
N GLY A 59 15.14 3.64 29.75
CA GLY A 59 16.52 4.07 29.79
C GLY A 59 16.87 5.04 28.67
N LEU A 60 15.92 5.26 27.74
CA LEU A 60 16.14 6.18 26.63
C LEU A 60 16.43 7.61 27.14
N THR A 61 17.50 8.23 26.66
CA THR A 61 17.77 9.62 27.05
C THR A 61 17.79 10.53 25.83
N TYR A 62 18.09 9.96 24.65
CA TYR A 62 18.04 10.76 23.43
C TYR A 62 17.85 9.86 22.21
N PHE A 63 18.78 8.91 22.07
CA PHE A 63 18.77 8.04 20.90
C PHE A 63 19.48 6.77 21.33
N PRO A 64 18.98 5.58 20.94
CA PRO A 64 19.63 4.33 21.31
C PRO A 64 20.91 4.17 20.51
N VAL A 65 22.06 4.25 21.17
CA VAL A 65 23.33 4.19 20.49
C VAL A 65 23.54 2.78 19.93
N ALA A 66 23.79 2.73 18.61
CA ALA A 66 24.11 1.48 17.94
C ALA A 66 25.62 1.32 17.81
N ASP A 67 26.13 0.50 18.73
CA ASP A 67 27.53 0.14 18.76
C ASP A 67 27.81 -0.90 17.70
N LEU A 68 28.96 -0.76 17.07
CA LEU A 68 29.42 -1.74 16.10
C LEU A 68 29.41 -3.15 16.67
N SER A 69 29.85 -3.34 17.93
CA SER A 69 29.94 -4.69 18.46
C SER A 69 28.57 -5.39 18.45
N ILE A 70 27.50 -4.65 18.73
CA ILE A 70 26.14 -5.15 18.83
C ILE A 70 25.62 -5.47 17.41
N ILE A 71 25.80 -4.51 16.48
CA ILE A 71 25.27 -4.68 15.14
C ILE A 71 26.05 -5.78 14.40
N ALA A 72 27.37 -5.80 14.56
CA ALA A 72 28.18 -6.84 13.93
C ALA A 72 27.81 -8.22 14.47
N ALA A 73 27.46 -8.34 15.75
CA ALA A 73 27.09 -9.65 16.27
C ALA A 73 25.76 -10.10 15.66
N LEU A 74 24.78 -9.20 15.57
CA LEU A 74 23.49 -9.52 14.94
C LEU A 74 23.73 -9.95 13.49
N TYR A 75 24.59 -9.21 12.79
CA TYR A 75 24.89 -9.46 11.39
C TYR A 75 25.50 -10.84 11.21
N ALA A 76 26.47 -11.16 12.09
CA ALA A 76 27.06 -12.48 12.09
C ALA A 76 26.06 -13.59 12.39
N ARG A 77 25.09 -13.39 13.28
CA ARG A 77 24.07 -14.39 13.52
C ARG A 77 23.29 -14.66 12.23
N PHE A 78 22.85 -13.60 11.55
CA PHE A 78 22.11 -13.78 10.33
C PHE A 78 22.96 -14.52 9.28
N THR A 79 24.12 -14.01 8.96
CA THR A 79 24.86 -14.55 7.82
C THR A 79 25.27 -16.00 8.12
N ALA A 80 25.53 -16.31 9.41
CA ALA A 80 25.86 -17.68 9.80
C ALA A 80 24.66 -18.60 9.60
N GLN A 81 23.47 -18.15 10.01
CA GLN A 81 22.27 -18.96 9.90
C GLN A 81 22.00 -19.29 8.42
N ILE A 82 22.20 -18.32 7.53
CA ILE A 82 21.83 -18.51 6.12
C ILE A 82 22.89 -19.36 5.44
N ARG A 83 24.17 -19.04 5.64
CA ARG A 83 25.26 -19.70 4.92
C ARG A 83 25.37 -21.14 5.36
N GLY A 84 25.10 -21.39 6.63
CA GLY A 84 25.08 -22.73 7.19
C GLY A 84 23.95 -23.62 6.66
N ALA A 85 22.76 -23.06 6.40
CA ALA A 85 21.58 -23.84 6.06
C ALA A 85 21.40 -24.00 4.54
N VAL A 86 21.97 -23.08 3.76
CA VAL A 86 21.88 -23.06 2.31
C VAL A 86 23.27 -23.38 1.73
N ASP A 87 23.41 -24.60 1.24
CA ASP A 87 24.61 -24.99 0.54
C ASP A 87 24.51 -24.70 -0.96
N LEU A 88 25.16 -23.62 -1.40
CA LEU A 88 25.12 -23.20 -2.79
C LEU A 88 25.64 -24.25 -3.77
N SER A 89 26.57 -25.12 -3.34
CA SER A 89 27.15 -26.09 -4.26
C SER A 89 26.09 -27.04 -4.77
N LEU A 90 24.98 -27.18 -4.04
CA LEU A 90 23.96 -28.13 -4.45
C LEU A 90 23.09 -27.54 -5.55
N TYR A 91 23.20 -26.21 -5.79
CA TYR A 91 22.35 -25.46 -6.71
C TYR A 91 23.21 -24.67 -7.70
N PRO A 92 23.81 -25.33 -8.70
CA PRO A 92 24.75 -24.65 -9.60
C PRO A 92 24.07 -23.46 -10.28
N ARG A 93 24.79 -22.32 -10.37
CA ARG A 93 24.26 -21.13 -11.03
C ARG A 93 24.84 -21.04 -12.45
N GLU A 94 24.00 -21.31 -13.46
CA GLU A 94 24.38 -21.11 -14.84
C GLU A 94 23.89 -19.72 -15.28
N GLY A 95 24.82 -18.78 -15.45
CA GLY A 95 24.57 -17.52 -16.15
C GLY A 95 24.59 -16.30 -15.22
N GLY A 96 25.19 -16.43 -14.03
CA GLY A 96 25.04 -15.43 -13.00
C GLY A 96 23.60 -15.30 -12.50
N VAL A 97 22.80 -16.38 -12.67
CA VAL A 97 21.41 -16.34 -12.24
C VAL A 97 21.00 -17.58 -11.47
N SER A 98 20.02 -17.37 -10.58
CA SER A 98 19.60 -18.31 -9.58
C SER A 98 18.52 -19.21 -10.17
N SER A 99 18.31 -20.35 -9.54
CA SER A 99 17.31 -21.31 -9.92
C SER A 99 16.10 -21.23 -9.00
N ARG A 100 14.95 -21.75 -9.47
CA ARG A 100 13.78 -21.80 -8.62
C ARG A 100 14.02 -22.64 -7.38
N GLU A 101 14.77 -23.75 -7.50
CA GLU A 101 15.05 -24.59 -6.35
C GLU A 101 15.86 -23.83 -5.29
N LEU A 102 16.81 -23.01 -5.71
CA LEU A 102 17.63 -22.26 -4.77
C LEU A 102 16.77 -21.24 -4.03
N VAL A 103 15.93 -20.52 -4.78
CA VAL A 103 15.05 -19.52 -4.18
C VAL A 103 14.12 -20.19 -3.17
N LYS A 104 13.54 -21.37 -3.54
CA LYS A 104 12.69 -22.12 -2.62
C LYS A 104 13.41 -22.55 -1.35
N LYS A 105 14.68 -22.96 -1.47
CA LYS A 105 15.45 -23.40 -0.33
C LYS A 105 15.64 -22.24 0.62
N VAL A 106 15.93 -21.04 0.07
CA VAL A 106 16.16 -19.88 0.93
C VAL A 106 14.84 -19.55 1.63
N SER A 107 13.72 -19.56 0.91
CA SER A 107 12.44 -19.33 1.53
C SER A 107 12.15 -20.33 2.66
N ASP A 108 12.43 -21.64 2.41
CA ASP A 108 12.23 -22.67 3.42
C ASP A 108 13.08 -22.38 4.66
N VAL A 109 14.33 -21.95 4.48
CA VAL A 109 15.21 -21.66 5.61
C VAL A 109 14.64 -20.53 6.46
N ILE A 110 14.15 -19.46 5.85
CA ILE A 110 13.54 -18.37 6.60
C ILE A 110 12.30 -18.87 7.34
N TRP A 111 11.42 -19.56 6.61
N TRP A 111 11.38 -19.53 6.63
CA TRP A 111 10.16 -20.07 7.16
CA TRP A 111 10.16 -20.02 7.25
C TRP A 111 10.40 -20.95 8.38
C TRP A 111 10.45 -20.92 8.45
N ASN A 112 11.34 -21.89 8.23
CA ASN A 112 11.61 -22.91 9.24
C ASN A 112 12.28 -22.32 10.48
N SER A 113 12.80 -21.09 10.38
CA SER A 113 13.39 -20.39 11.51
C SER A 113 12.37 -19.71 12.41
N LEU A 114 11.13 -19.52 11.96
CA LEU A 114 10.15 -18.70 12.65
C LEU A 114 9.53 -19.49 13.79
N SER A 115 9.16 -18.79 14.85
CA SER A 115 8.36 -19.36 15.92
C SER A 115 7.11 -19.99 15.33
N ARG A 116 6.71 -21.14 15.92
CA ARG A 116 5.61 -21.95 15.42
C ARG A 116 4.31 -21.18 15.56
N SER A 117 4.16 -20.48 16.69
CA SER A 117 2.94 -19.74 16.93
C SER A 117 3.29 -18.35 17.41
N TYR A 118 2.72 -17.34 16.74
CA TYR A 118 2.74 -15.96 17.24
C TYR A 118 1.66 -15.15 16.54
N PHE A 119 1.41 -13.92 17.01
CA PHE A 119 0.44 -13.01 16.38
C PHE A 119 1.10 -12.35 15.19
N LYS A 120 0.69 -12.77 13.98
CA LYS A 120 1.43 -12.52 12.75
C LYS A 120 1.17 -11.10 12.22
N ASP A 121 0.26 -10.38 12.91
CA ASP A 121 -0.17 -9.02 12.59
C ASP A 121 0.32 -8.00 13.62
N ARG A 122 1.27 -8.40 14.46
CA ARG A 122 1.84 -7.47 15.41
C ARG A 122 2.62 -6.39 14.67
N ALA A 123 2.83 -5.28 15.37
CA ALA A 123 3.77 -4.25 14.97
C ALA A 123 5.19 -4.68 15.33
N HIS A 124 6.16 -4.13 14.59
CA HIS A 124 7.57 -4.21 14.91
C HIS A 124 8.12 -5.61 14.67
N ILE A 125 7.47 -6.39 13.77
CA ILE A 125 8.04 -7.68 13.39
C ILE A 125 8.39 -7.72 11.90
N GLN A 126 8.79 -6.57 11.35
CA GLN A 126 9.05 -6.45 9.92
C GLN A 126 10.53 -6.62 9.56
N SER A 127 11.46 -6.46 10.53
CA SER A 127 12.89 -6.28 10.25
C SER A 127 13.69 -7.53 10.56
N LEU A 128 14.94 -7.57 10.09
CA LEU A 128 15.85 -8.65 10.41
C LEU A 128 16.21 -8.65 11.91
N PHE A 129 16.08 -7.50 12.61
CA PHE A 129 16.22 -7.47 14.05
C PHE A 129 15.17 -8.36 14.69
N SER A 130 13.91 -8.28 14.24
CA SER A 130 12.84 -9.10 14.78
C SER A 130 13.10 -10.58 14.43
N PHE A 131 13.58 -10.86 13.22
CA PHE A 131 13.86 -12.24 12.83
C PHE A 131 14.89 -12.88 13.75
N ILE A 132 15.97 -12.13 14.04
CA ILE A 132 17.08 -12.67 14.81
C ILE A 132 16.74 -12.74 16.31
N THR A 133 16.17 -11.67 16.87
CA THR A 133 15.99 -11.61 18.32
C THR A 133 14.69 -12.27 18.76
N GLY A 134 13.68 -12.32 17.89
CA GLY A 134 12.34 -12.73 18.25
C GLY A 134 11.85 -13.93 17.45
N THR A 135 12.61 -14.38 16.44
CA THR A 135 12.18 -15.41 15.48
C THR A 135 10.75 -15.17 14.98
N LYS A 136 10.43 -13.92 14.68
CA LYS A 136 9.11 -13.49 14.22
C LYS A 136 9.24 -12.53 13.03
N LEU A 137 8.45 -12.77 11.99
CA LEU A 137 8.32 -11.87 10.85
C LEU A 137 6.86 -11.79 10.42
N ASP A 138 6.45 -10.63 9.92
CA ASP A 138 5.18 -10.45 9.24
C ASP A 138 5.30 -10.94 7.80
N SER A 139 4.17 -10.96 7.06
N SER A 139 4.16 -11.00 7.09
CA SER A 139 4.11 -11.61 5.76
CA SER A 139 4.11 -11.57 5.76
C SER A 139 5.13 -11.03 4.77
C SER A 139 5.20 -11.02 4.83
N SER A 140 5.14 -9.70 4.61
CA SER A 140 6.07 -9.08 3.69
C SER A 140 7.49 -9.06 4.25
N GLY A 141 7.62 -9.13 5.60
CA GLY A 141 8.91 -9.26 6.24
C GLY A 141 9.64 -10.56 5.83
N VAL A 142 8.89 -11.64 5.65
CA VAL A 142 9.51 -12.87 5.15
C VAL A 142 10.07 -12.69 3.73
N ALA A 143 9.29 -12.09 2.85
CA ALA A 143 9.80 -11.83 1.51
C ALA A 143 11.05 -10.97 1.51
N PHE A 144 11.07 -9.90 2.33
CA PHE A 144 12.26 -9.09 2.44
C PHE A 144 13.46 -9.90 2.94
N ALA A 145 13.20 -10.74 3.93
CA ALA A 145 14.28 -11.53 4.52
C ALA A 145 14.84 -12.52 3.51
N VAL A 146 13.98 -13.06 2.65
CA VAL A 146 14.47 -13.95 1.59
C VAL A 146 15.41 -13.15 0.68
N VAL A 147 15.05 -11.91 0.28
CA VAL A 147 15.89 -11.10 -0.58
C VAL A 147 17.21 -10.75 0.13
N GLY A 148 17.16 -10.38 1.42
CA GLY A 148 18.39 -10.07 2.14
C GLY A 148 19.30 -11.29 2.29
N ALA A 149 18.71 -12.45 2.51
CA ALA A 149 19.46 -13.72 2.58
C ALA A 149 20.13 -14.00 1.22
N CYS A 150 19.37 -13.86 0.13
CA CYS A 150 19.91 -14.05 -1.20
C CYS A 150 21.08 -13.08 -1.45
N GLN A 151 20.93 -11.81 -1.12
CA GLN A 151 22.04 -10.87 -1.28
C GLN A 151 23.27 -11.37 -0.49
N ALA A 152 23.07 -11.83 0.73
CA ALA A 152 24.16 -12.24 1.60
C ALA A 152 24.90 -13.42 0.97
N LEU A 153 24.16 -14.28 0.28
CA LEU A 153 24.69 -15.42 -0.47
C LEU A 153 25.33 -15.04 -1.81
N GLY A 154 25.26 -13.79 -2.29
CA GLY A 154 25.85 -13.38 -3.56
C GLY A 154 24.94 -13.55 -4.78
N LEU A 155 23.64 -13.70 -4.53
CA LEU A 155 22.62 -13.94 -5.56
C LEU A 155 22.02 -12.62 -6.01
N ARG A 156 22.74 -11.97 -6.92
CA ARG A 156 22.52 -10.59 -7.29
C ARG A 156 21.20 -10.44 -8.05
N ASP A 157 20.66 -11.55 -8.59
CA ASP A 157 19.52 -11.48 -9.48
C ASP A 157 18.19 -11.57 -8.71
N VAL A 158 18.23 -11.89 -7.41
CA VAL A 158 16.99 -12.10 -6.65
C VAL A 158 16.56 -10.75 -6.08
N HIS A 159 15.34 -10.33 -6.43
CA HIS A 159 14.84 -9.03 -6.00
C HIS A 159 13.38 -9.13 -5.51
N LEU A 160 13.00 -8.15 -4.69
CA LEU A 160 11.67 -8.05 -4.13
C LEU A 160 10.68 -7.55 -5.17
N ALA A 161 9.54 -8.22 -5.22
CA ALA A 161 8.40 -7.79 -6.02
C ALA A 161 7.26 -7.42 -5.05
N LEU A 162 6.55 -6.32 -5.35
CA LEU A 162 5.55 -5.77 -4.45
C LEU A 162 4.29 -5.38 -5.22
N SER A 163 3.14 -5.87 -4.78
CA SER A 163 1.87 -5.29 -5.18
C SER A 163 1.41 -4.34 -4.08
N GLU A 164 0.14 -3.94 -4.10
CA GLU A 164 -0.41 -3.07 -3.08
C GLU A 164 -0.83 -3.85 -1.82
N ASP A 165 -0.78 -5.20 -1.83
CA ASP A 165 -1.11 -5.97 -0.65
C ASP A 165 -0.39 -7.32 -0.56
N HIS A 166 0.68 -7.49 -1.33
CA HIS A 166 1.47 -8.73 -1.30
C HIS A 166 2.89 -8.51 -1.78
N ALA A 167 3.77 -9.50 -1.49
CA ALA A 167 5.17 -9.44 -1.79
C ALA A 167 5.62 -10.85 -2.18
N TRP A 168 6.56 -10.87 -3.12
CA TRP A 168 7.16 -12.11 -3.59
C TRP A 168 8.56 -11.74 -4.12
N VAL A 169 9.18 -12.67 -4.89
CA VAL A 169 10.47 -12.39 -5.48
C VAL A 169 10.50 -12.62 -6.99
N VAL A 170 11.35 -11.82 -7.64
CA VAL A 170 11.72 -12.04 -9.04
C VAL A 170 13.18 -12.49 -9.08
N PHE A 171 13.55 -13.23 -10.13
CA PHE A 171 14.90 -13.78 -10.22
C PHE A 171 15.08 -14.37 -11.61
N GLY A 172 16.29 -14.89 -11.83
CA GLY A 172 16.55 -15.78 -12.96
C GLY A 172 16.88 -14.99 -14.21
N PRO A 173 16.86 -15.68 -15.39
CA PRO A 173 17.23 -15.06 -16.66
C PRO A 173 16.41 -13.82 -16.92
N ASN A 174 17.11 -12.69 -17.10
CA ASN A 174 16.50 -11.39 -17.32
C ASN A 174 15.63 -10.93 -16.16
N GLY A 175 15.76 -11.57 -15.00
CA GLY A 175 14.87 -11.27 -13.89
C GLY A 175 13.41 -11.56 -14.25
N GLU A 176 13.16 -12.53 -15.12
CA GLU A 176 11.81 -12.75 -15.63
C GLU A 176 10.98 -13.76 -14.82
N GLN A 177 11.57 -14.58 -13.96
CA GLN A 177 10.84 -15.55 -13.19
C GLN A 177 10.27 -14.90 -11.93
N THR A 178 9.13 -15.44 -11.49
CA THR A 178 8.52 -15.06 -10.23
C THR A 178 8.41 -16.26 -9.32
N ALA A 179 8.58 -16.02 -8.02
CA ALA A 179 8.30 -17.05 -7.05
C ALA A 179 7.62 -16.48 -5.81
N GLU A 180 6.57 -17.19 -5.38
CA GLU A 180 5.94 -16.99 -4.07
C GLU A 180 6.92 -17.47 -3.01
N VAL A 181 7.08 -16.67 -1.94
CA VAL A 181 7.97 -17.04 -0.84
C VAL A 181 7.34 -16.80 0.53
N THR A 182 6.17 -16.15 0.61
CA THR A 182 5.51 -15.91 1.87
C THR A 182 4.01 -16.19 1.72
N TRP A 183 3.28 -16.04 2.82
CA TRP A 183 1.85 -16.20 2.88
C TRP A 183 1.14 -14.89 2.53
N HIS A 184 -0.14 -15.00 2.20
CA HIS A 184 -0.98 -13.83 2.03
C HIS A 184 -2.25 -13.97 2.85
N GLY A 185 -2.58 -12.93 3.60
CA GLY A 185 -3.85 -12.88 4.31
C GLY A 185 -3.82 -13.90 5.44
N LYS A 186 -4.87 -14.71 5.54
CA LYS A 186 -4.99 -15.69 6.60
C LYS A 186 -4.02 -16.87 6.43
N GLY A 187 -3.30 -16.91 5.30
CA GLY A 187 -2.52 -18.09 4.93
C GLY A 187 -3.43 -19.15 4.30
N ASN A 188 -4.56 -18.65 3.76
CA ASN A 188 -5.67 -19.44 3.28
C ASN A 188 -5.19 -20.38 2.17
N GLU A 189 -4.56 -19.82 1.12
CA GLU A 189 -3.98 -20.61 0.05
C GLU A 189 -2.51 -20.86 0.39
N ASP A 190 -1.66 -21.02 -0.61
CA ASP A 190 -0.22 -20.83 -0.42
C ASP A 190 0.41 -20.51 -1.77
N ARG A 191 0.61 -21.58 -2.55
CA ARG A 191 1.34 -21.56 -3.82
C ARG A 191 2.81 -21.22 -3.57
N ARG A 192 3.36 -21.55 -2.38
CA ARG A 192 4.75 -21.21 -2.11
C ARG A 192 5.60 -21.93 -3.15
N GLY A 193 6.55 -21.20 -3.76
CA GLY A 193 7.43 -21.73 -4.77
C GLY A 193 6.93 -21.58 -6.20
N GLN A 194 5.63 -21.29 -6.39
CA GLN A 194 5.03 -21.17 -7.72
C GLN A 194 5.18 -19.74 -8.24
N THR A 195 4.85 -19.56 -9.52
CA THR A 195 4.82 -18.24 -10.17
C THR A 195 3.57 -17.51 -9.71
N VAL A 196 3.53 -16.24 -10.06
CA VAL A 196 2.34 -15.41 -9.88
C VAL A 196 1.50 -15.34 -11.16
N ASN A 197 1.83 -16.11 -12.22
CA ASN A 197 1.15 -15.92 -13.50
C ASN A 197 -0.34 -16.22 -13.48
N ALA A 198 -0.87 -17.14 -12.67
CA ALA A 198 -2.32 -17.35 -12.56
C ALA A 198 -3.04 -16.14 -12.01
N GLY A 199 -2.39 -15.49 -11.01
CA GLY A 199 -3.01 -14.29 -10.45
C GLY A 199 -2.99 -13.10 -11.40
N VAL A 200 -1.91 -12.95 -12.18
CA VAL A 200 -1.85 -11.97 -13.24
C VAL A 200 -2.95 -12.25 -14.26
N ALA A 201 -3.03 -13.50 -14.75
CA ALA A 201 -4.01 -13.85 -15.77
C ALA A 201 -5.46 -13.65 -15.31
N GLU A 202 -5.74 -13.74 -14.01
CA GLU A 202 -7.11 -13.54 -13.55
C GLU A 202 -7.49 -12.08 -13.40
N ARG A 203 -6.54 -11.17 -13.57
CA ARG A 203 -6.80 -9.74 -13.51
C ARG A 203 -7.31 -9.34 -12.12
N SER A 204 -6.80 -9.99 -11.06
CA SER A 204 -7.05 -9.60 -9.69
C SER A 204 -6.28 -8.33 -9.32
N TRP A 205 -6.79 -7.59 -8.37
CA TRP A 205 -6.03 -6.46 -7.86
C TRP A 205 -4.75 -6.91 -7.18
N LEU A 206 -4.76 -8.08 -6.53
CA LEU A 206 -3.61 -8.51 -5.74
C LEU A 206 -2.34 -8.57 -6.60
N TYR A 207 -2.46 -8.93 -7.89
CA TYR A 207 -1.28 -9.01 -8.74
C TYR A 207 -1.19 -7.91 -9.80
N LEU A 208 -2.10 -6.89 -9.73
CA LEU A 208 -2.03 -5.65 -10.45
C LEU A 208 -1.95 -5.86 -11.98
N LYS A 209 -2.55 -6.93 -12.50
CA LYS A 209 -2.48 -7.20 -13.94
C LYS A 209 -1.02 -7.23 -14.45
N GLY A 210 -0.09 -7.55 -13.54
CA GLY A 210 1.33 -7.60 -13.88
C GLY A 210 2.07 -6.28 -13.73
N SER A 211 1.37 -5.18 -13.41
CA SER A 211 1.97 -3.85 -13.24
C SER A 211 2.35 -3.63 -11.77
N TYR A 212 3.00 -4.65 -11.20
CA TYR A 212 3.54 -4.63 -9.84
C TYR A 212 4.97 -4.09 -9.86
N MET A 213 5.44 -3.75 -8.67
CA MET A 213 6.77 -3.19 -8.54
C MET A 213 7.82 -4.30 -8.59
N ARG A 214 8.83 -4.12 -9.46
CA ARG A 214 10.01 -4.99 -9.52
C ARG A 214 11.19 -4.17 -9.00
N CYS A 215 11.57 -4.43 -7.75
CA CYS A 215 12.55 -3.58 -7.08
C CYS A 215 13.95 -3.85 -7.60
N ASP A 216 14.73 -2.79 -7.66
CA ASP A 216 16.19 -2.91 -7.60
C ASP A 216 16.64 -2.80 -6.14
N ARG A 217 17.94 -2.84 -5.89
CA ARG A 217 18.42 -2.82 -4.53
C ARG A 217 18.06 -1.52 -3.82
N LYS A 218 18.08 -0.42 -4.54
CA LYS A 218 17.78 0.88 -3.96
C LYS A 218 16.29 0.97 -3.55
N MET A 219 15.39 0.38 -4.35
CA MET A 219 13.98 0.35 -4.03
C MET A 219 13.72 -0.57 -2.84
N GLU A 220 14.55 -1.62 -2.68
CA GLU A 220 14.46 -2.49 -1.50
C GLU A 220 14.85 -1.76 -0.23
N VAL A 221 15.80 -0.84 -0.32
CA VAL A 221 16.06 0.08 0.78
C VAL A 221 14.85 0.98 1.04
N ALA A 222 14.25 1.54 -0.01
CA ALA A 222 13.05 2.37 0.20
C ALA A 222 11.94 1.55 0.88
N PHE A 223 11.79 0.28 0.52
CA PHE A 223 10.78 -0.55 1.15
C PHE A 223 11.02 -0.65 2.67
N MET A 224 12.27 -0.91 3.09
CA MET A 224 12.51 -1.09 4.51
C MET A 224 12.30 0.21 5.28
N VAL A 225 12.51 1.35 4.62
CA VAL A 225 12.27 2.65 5.22
C VAL A 225 10.76 2.89 5.37
N CYS A 226 9.99 2.63 4.32
CA CYS A 226 8.54 2.64 4.42
C CYS A 226 8.00 1.70 5.51
N ALA A 227 8.69 0.57 5.70
CA ALA A 227 8.32 -0.44 6.67
C ALA A 227 8.60 -0.04 8.11
N ILE A 228 9.36 1.04 8.35
CA ILE A 228 9.49 1.53 9.72
C ILE A 228 8.09 1.75 10.30
N ASN A 229 7.88 1.34 11.56
CA ASN A 229 6.60 1.51 12.25
C ASN A 229 6.84 2.38 13.47
N PRO A 230 6.56 3.70 13.38
CA PRO A 230 6.71 4.59 14.53
C PRO A 230 5.75 4.38 15.70
N SER A 231 4.75 3.52 15.56
CA SER A 231 3.71 3.41 16.58
C SER A 231 4.23 2.83 17.88
N ILE A 232 3.96 3.54 19.00
CA ILE A 232 4.30 2.99 20.30
C ILE A 232 3.08 2.24 20.83
N ASP A 233 1.92 2.86 20.66
CA ASP A 233 0.65 2.21 20.96
C ASP A 233 -0.38 2.80 20.03
N LEU A 234 -1.66 2.47 20.28
CA LEU A 234 -2.73 2.89 19.37
C LEU A 234 -2.91 4.41 19.41
N HIS A 235 -2.38 5.11 20.44
CA HIS A 235 -2.58 6.55 20.60
C HIS A 235 -1.29 7.37 20.53
N THR A 236 -0.12 6.75 20.31
CA THR A 236 1.13 7.47 20.46
C THR A 236 2.13 6.99 19.41
N ASP A 237 2.76 7.92 18.69
CA ASP A 237 3.85 7.61 17.79
C ASP A 237 5.16 8.14 18.34
N SER A 238 6.27 7.47 18.00
CA SER A 238 7.59 7.95 18.30
C SER A 238 7.96 9.11 17.37
N LEU A 239 8.22 10.27 17.93
CA LEU A 239 8.64 11.41 17.14
C LEU A 239 9.98 11.12 16.48
N GLU A 240 10.85 10.39 17.18
CA GLU A 240 12.18 10.09 16.72
C GLU A 240 12.04 9.23 15.46
N LEU A 241 11.13 8.26 15.47
CA LEU A 241 11.02 7.37 14.32
C LEU A 241 10.32 8.07 13.15
N LEU A 242 9.35 8.90 13.41
CA LEU A 242 8.74 9.72 12.37
C LEU A 242 9.80 10.56 11.66
N GLN A 243 10.66 11.23 12.44
CA GLN A 243 11.73 12.06 11.87
C GLN A 243 12.72 11.21 11.05
N LEU A 244 13.12 10.06 11.59
CA LEU A 244 14.05 9.18 10.90
C LEU A 244 13.45 8.72 9.57
N GLN A 245 12.19 8.28 9.59
CA GLN A 245 11.55 7.86 8.34
C GLN A 245 11.50 8.99 7.32
N GLN A 246 11.17 10.19 7.80
CA GLN A 246 11.04 11.37 6.95
C GLN A 246 12.38 11.73 6.34
N LYS A 247 13.43 11.77 7.16
CA LYS A 247 14.76 12.10 6.63
C LYS A 247 15.28 11.06 5.66
N LEU A 248 15.05 9.79 5.93
CA LEU A 248 15.46 8.73 5.03
C LEU A 248 14.68 8.77 3.72
N LEU A 249 13.38 9.03 3.79
CA LEU A 249 12.60 9.21 2.56
C LEU A 249 13.09 10.40 1.72
N TRP A 250 13.51 11.52 2.37
CA TRP A 250 14.05 12.63 1.59
C TRP A 250 15.38 12.29 0.93
N LEU A 251 16.22 11.52 1.63
CA LEU A 251 17.47 11.02 1.10
C LEU A 251 17.23 10.20 -0.16
N LEU A 252 16.29 9.24 -0.06
CA LEU A 252 15.96 8.42 -1.20
C LEU A 252 15.38 9.26 -2.33
N TYR A 253 14.55 10.21 -2.00
CA TYR A 253 13.95 11.07 -3.02
C TYR A 253 15.01 11.81 -3.83
N ASP A 254 15.96 12.41 -3.10
CA ASP A 254 17.00 13.25 -3.68
C ASP A 254 17.89 12.42 -4.58
N LEU A 255 18.08 11.14 -4.25
CA LEU A 255 18.92 10.27 -5.03
C LEU A 255 18.21 9.59 -6.20
N GLY A 256 16.89 9.82 -6.32
CA GLY A 256 16.10 9.32 -7.42
C GLY A 256 15.41 7.97 -7.15
N HIS A 257 15.48 7.46 -5.92
CA HIS A 257 15.10 6.08 -5.68
C HIS A 257 13.64 5.94 -5.28
N LEU A 258 12.88 7.03 -5.25
CA LEU A 258 11.42 6.96 -5.11
C LEU A 258 10.71 7.13 -6.46
N GLU A 259 11.46 7.28 -7.56
CA GLU A 259 10.88 7.52 -8.88
C GLU A 259 9.82 6.50 -9.24
N ARG A 260 10.06 5.21 -8.93
N ARG A 260 10.05 5.21 -8.93
CA ARG A 260 9.17 4.12 -9.29
CA ARG A 260 9.16 4.13 -9.28
C ARG A 260 8.43 3.55 -8.07
C ARG A 260 8.44 3.54 -8.06
N TYR A 261 8.22 4.37 -7.03
CA TYR A 261 7.63 3.88 -5.77
C TYR A 261 6.50 4.82 -5.36
N PRO A 262 5.33 4.69 -6.02
CA PRO A 262 4.21 5.60 -5.74
C PRO A 262 3.86 5.76 -4.28
N MET A 263 3.70 4.63 -3.56
CA MET A 263 3.24 4.70 -2.17
C MET A 263 4.26 5.39 -1.27
N ALA A 264 5.57 5.24 -1.56
CA ALA A 264 6.59 5.91 -0.76
C ALA A 264 6.43 7.43 -0.83
N LEU A 265 6.04 7.93 -2.00
CA LEU A 265 5.79 9.36 -2.16
C LEU A 265 4.55 9.80 -1.35
N GLY A 266 3.50 8.98 -1.31
CA GLY A 266 2.38 9.25 -0.44
C GLY A 266 2.75 9.25 1.03
N ASN A 267 3.61 8.32 1.48
CA ASN A 267 4.08 8.26 2.85
C ASN A 267 4.83 9.56 3.18
N LEU A 268 5.68 9.98 2.26
CA LEU A 268 6.48 11.20 2.48
C LEU A 268 5.55 12.41 2.59
N ALA A 269 4.54 12.47 1.71
CA ALA A 269 3.56 13.57 1.76
C ALA A 269 2.83 13.61 3.09
N ASP A 270 2.41 12.42 3.60
CA ASP A 270 1.76 12.33 4.89
C ASP A 270 2.66 12.84 6.01
N LEU A 271 3.94 12.51 5.95
CA LEU A 271 4.87 12.96 7.00
C LEU A 271 5.04 14.49 6.94
N GLU A 272 5.10 15.04 5.73
CA GLU A 272 5.25 16.48 5.51
C GLU A 272 4.00 17.21 6.02
N GLU A 273 2.83 16.60 5.89
CA GLU A 273 1.62 17.22 6.40
C GLU A 273 1.72 17.37 7.92
N LEU A 274 2.24 16.32 8.57
CA LEU A 274 2.38 16.33 10.02
C LEU A 274 3.42 17.34 10.45
N GLU A 275 4.56 17.41 9.76
CA GLU A 275 5.64 18.27 10.21
C GLU A 275 6.44 18.72 9.01
N PRO A 276 6.09 19.85 8.36
CA PRO A 276 6.71 20.21 7.10
C PRO A 276 8.18 20.60 7.22
N THR A 277 8.97 20.20 6.22
CA THR A 277 10.39 20.46 6.16
C THR A 277 10.57 21.74 5.36
N PRO A 278 11.27 22.78 5.92
CA PRO A 278 11.52 24.00 5.13
C PRO A 278 12.24 23.69 3.84
N GLY A 279 11.73 24.29 2.75
CA GLY A 279 12.34 24.28 1.44
C GLY A 279 12.00 23.01 0.67
N ARG A 280 11.02 22.26 1.18
CA ARG A 280 10.57 21.09 0.45
C ARG A 280 9.21 21.32 -0.21
N PRO A 281 8.89 20.51 -1.24
CA PRO A 281 7.57 20.48 -1.83
C PRO A 281 6.49 20.24 -0.78
N ASP A 282 5.30 20.77 -1.08
CA ASP A 282 4.17 20.58 -0.20
C ASP A 282 3.55 19.20 -0.38
N PRO A 283 2.78 18.73 0.60
CA PRO A 283 2.15 17.42 0.52
C PRO A 283 1.40 17.23 -0.79
N LEU A 284 0.56 18.19 -1.22
CA LEU A 284 -0.16 18.02 -2.47
C LEU A 284 0.76 17.72 -3.66
N THR A 285 1.89 18.45 -3.82
CA THR A 285 2.85 18.19 -4.87
C THR A 285 3.35 16.74 -4.81
N LEU A 286 3.59 16.27 -3.59
CA LEU A 286 4.10 14.92 -3.41
C LEU A 286 3.04 13.85 -3.69
N TYR A 287 1.80 14.08 -3.29
CA TYR A 287 0.74 13.14 -3.66
C TYR A 287 0.63 13.04 -5.19
N HIS A 288 0.67 14.19 -5.87
CA HIS A 288 0.58 14.20 -7.33
C HIS A 288 1.80 13.55 -8.00
N LYS A 289 3.01 13.62 -7.40
CA LYS A 289 4.15 12.89 -7.91
C LYS A 289 3.94 11.38 -7.77
N GLY A 290 3.31 10.97 -6.67
CA GLY A 290 2.96 9.56 -6.48
C GLY A 290 2.06 9.05 -7.59
N ILE A 291 1.02 9.82 -7.86
CA ILE A 291 0.10 9.49 -8.94
C ILE A 291 0.84 9.50 -10.29
N ALA A 292 1.71 10.47 -10.53
CA ALA A 292 2.49 10.53 -11.76
C ALA A 292 3.40 9.31 -11.93
N SER A 293 4.00 8.85 -10.82
CA SER A 293 4.82 7.63 -10.83
C SER A 293 4.00 6.42 -11.27
N ALA A 294 2.79 6.30 -10.72
CA ALA A 294 1.92 5.19 -11.11
C ALA A 294 1.52 5.25 -12.59
N LYS A 295 1.21 6.46 -13.09
CA LYS A 295 0.84 6.60 -14.50
C LYS A 295 2.03 6.27 -15.41
N THR A 296 3.24 6.66 -14.98
CA THR A 296 4.41 6.56 -15.84
C THR A 296 4.93 5.14 -15.93
N TYR A 297 5.03 4.49 -14.77
CA TYR A 297 5.68 3.20 -14.65
C TYR A 297 4.74 2.00 -14.55
N TYR A 298 3.48 2.21 -14.13
CA TYR A 298 2.60 1.11 -13.81
C TYR A 298 1.23 1.22 -14.50
N ARG A 299 1.20 1.89 -15.66
N ARG A 299 1.19 1.93 -15.64
CA ARG A 299 0.02 1.96 -16.51
CA ARG A 299 0.02 1.99 -16.51
C ARG A 299 -1.20 2.50 -15.77
C ARG A 299 -1.21 2.55 -15.79
N ASP A 300 -0.99 3.32 -14.71
CA ASP A 300 -2.07 3.86 -13.90
C ASP A 300 -2.99 2.75 -13.40
N GLU A 301 -2.41 1.64 -12.93
CA GLU A 301 -3.16 0.50 -12.46
C GLU A 301 -3.15 0.35 -10.94
N HIS A 302 -2.66 1.38 -10.22
CA HIS A 302 -2.57 1.34 -8.76
C HIS A 302 -3.67 2.16 -8.10
N ILE A 303 -4.15 1.67 -6.94
CA ILE A 303 -5.24 2.35 -6.23
C ILE A 303 -4.77 3.31 -5.15
N TYR A 304 -3.76 2.92 -4.39
CA TYR A 304 -3.40 3.68 -3.22
C TYR A 304 -2.89 5.08 -3.56
N PRO A 305 -2.22 5.40 -4.69
CA PRO A 305 -1.81 6.80 -4.89
C PRO A 305 -3.00 7.75 -4.80
N TYR A 306 -4.14 7.34 -5.34
CA TYR A 306 -5.33 8.18 -5.30
C TYR A 306 -5.93 8.19 -3.91
N MET A 307 -5.91 7.06 -3.20
CA MET A 307 -6.37 7.01 -1.82
C MET A 307 -5.56 7.94 -0.89
N TYR A 308 -4.22 7.97 -1.04
CA TYR A 308 -3.38 8.88 -0.26
C TYR A 308 -3.89 10.31 -0.44
N LEU A 309 -4.07 10.70 -1.72
CA LEU A 309 -4.55 12.05 -2.03
C LEU A 309 -5.94 12.30 -1.44
N ALA A 310 -6.86 11.35 -1.64
CA ALA A 310 -8.22 11.53 -1.11
C ALA A 310 -8.20 11.72 0.41
N GLY A 311 -7.36 10.94 1.12
CA GLY A 311 -7.30 11.05 2.58
C GLY A 311 -6.87 12.44 3.02
N TYR A 312 -5.86 12.95 2.38
CA TYR A 312 -5.41 14.31 2.67
C TYR A 312 -6.55 15.31 2.47
N HIS A 313 -7.26 15.23 1.33
CA HIS A 313 -8.37 16.14 1.10
C HIS A 313 -9.51 15.94 2.11
N CYS A 314 -9.77 14.70 2.50
CA CYS A 314 -10.77 14.36 3.51
C CYS A 314 -10.42 15.00 4.84
N ARG A 315 -9.17 14.82 5.29
CA ARG A 315 -8.74 15.38 6.55
C ARG A 315 -8.85 16.90 6.55
N ASN A 316 -8.59 17.53 5.41
CA ASN A 316 -8.61 18.98 5.28
C ASN A 316 -10.02 19.48 4.90
N ARG A 317 -11.01 18.59 4.79
CA ARG A 317 -12.38 18.94 4.38
C ARG A 317 -12.43 19.68 3.04
N ASN A 318 -11.61 19.22 2.10
CA ASN A 318 -11.74 19.67 0.73
C ASN A 318 -12.67 18.64 0.07
N VAL A 319 -14.00 18.73 0.25
CA VAL A 319 -14.93 17.66 -0.11
C VAL A 319 -14.89 17.42 -1.62
N ARG A 320 -14.90 18.49 -2.44
CA ARG A 320 -14.81 18.39 -3.88
C ARG A 320 -13.59 17.56 -4.32
N GLU A 321 -12.41 17.94 -3.79
CA GLU A 321 -11.18 17.27 -4.19
C GLU A 321 -11.11 15.84 -3.65
N ALA A 322 -11.67 15.59 -2.45
CA ALA A 322 -11.71 14.22 -1.92
C ALA A 322 -12.60 13.34 -2.80
N LEU A 323 -13.81 13.86 -3.14
CA LEU A 323 -14.67 13.09 -4.03
C LEU A 323 -14.00 12.85 -5.40
N GLN A 324 -13.32 13.84 -5.95
CA GLN A 324 -12.62 13.65 -7.21
C GLN A 324 -11.60 12.52 -7.11
N ALA A 325 -10.81 12.50 -6.03
CA ALA A 325 -9.78 11.50 -5.89
C ALA A 325 -10.39 10.11 -5.71
N TRP A 326 -11.47 10.02 -4.94
CA TRP A 326 -12.17 8.75 -4.83
C TRP A 326 -12.76 8.31 -6.16
N ALA A 327 -13.35 9.21 -6.91
CA ALA A 327 -13.83 8.83 -8.25
C ALA A 327 -12.68 8.29 -9.10
N ASP A 328 -11.47 8.86 -8.93
CA ASP A 328 -10.28 8.34 -9.61
C ASP A 328 -9.89 6.94 -9.13
N THR A 329 -10.01 6.65 -7.83
CA THR A 329 -9.75 5.32 -7.30
C THR A 329 -10.68 4.32 -7.99
N ALA A 330 -11.95 4.69 -8.16
CA ALA A 330 -12.90 3.81 -8.80
C ALA A 330 -12.64 3.64 -10.30
N THR A 331 -12.14 4.68 -10.96
CA THR A 331 -11.84 4.59 -12.39
C THR A 331 -10.65 3.63 -12.59
N VAL A 332 -9.75 3.47 -11.60
CA VAL A 332 -8.74 2.42 -11.69
C VAL A 332 -9.34 1.02 -11.45
N ILE A 333 -10.12 0.83 -10.36
CA ILE A 333 -10.57 -0.47 -9.96
C ILE A 333 -11.50 -1.07 -11.03
N GLN A 334 -12.15 -0.22 -11.83
CA GLN A 334 -13.18 -0.73 -12.74
C GLN A 334 -12.63 -1.73 -13.75
N ASP A 335 -11.31 -1.66 -14.07
CA ASP A 335 -10.69 -2.55 -15.04
C ASP A 335 -9.98 -3.72 -14.39
N TYR A 336 -10.43 -4.13 -13.22
CA TYR A 336 -10.03 -5.34 -12.55
C TYR A 336 -11.23 -6.26 -12.40
N ASN A 337 -10.95 -7.55 -12.18
CA ASN A 337 -11.91 -8.51 -11.67
C ASN A 337 -11.75 -8.64 -10.17
N TYR A 338 -12.86 -8.62 -9.42
CA TYR A 338 -12.85 -8.78 -7.97
C TYR A 338 -12.68 -10.26 -7.65
N CYS A 339 -11.53 -10.65 -7.13
CA CYS A 339 -11.17 -12.04 -6.89
C CYS A 339 -11.01 -12.32 -5.39
N ARG A 340 -10.93 -13.62 -5.04
CA ARG A 340 -11.02 -14.11 -3.67
C ARG A 340 -10.00 -13.53 -2.67
N GLU A 341 -8.84 -13.10 -3.13
CA GLU A 341 -7.83 -12.60 -2.20
C GLU A 341 -7.67 -11.08 -2.29
N ASP A 342 -8.67 -10.40 -2.86
CA ASP A 342 -8.64 -8.94 -2.99
C ASP A 342 -9.37 -8.23 -1.84
N GLU A 343 -9.66 -8.93 -0.73
N GLU A 343 -9.69 -8.93 -0.74
CA GLU A 343 -10.55 -8.40 0.31
CA GLU A 343 -10.58 -8.37 0.29
C GLU A 343 -10.06 -7.07 0.89
C GLU A 343 -10.07 -7.05 0.87
N GLU A 344 -8.74 -6.82 0.92
CA GLU A 344 -8.22 -5.59 1.51
C GLU A 344 -8.72 -4.36 0.76
N ILE A 345 -8.77 -4.44 -0.57
CA ILE A 345 -9.18 -3.23 -1.32
C ILE A 345 -10.71 -3.13 -1.31
N TYR A 346 -11.44 -4.24 -1.23
CA TYR A 346 -12.87 -4.17 -0.99
C TYR A 346 -13.14 -3.46 0.33
N LYS A 347 -12.32 -3.74 1.37
CA LYS A 347 -12.56 -3.10 2.66
C LYS A 347 -12.39 -1.59 2.57
N GLU A 348 -11.39 -1.14 1.80
CA GLU A 348 -11.17 0.29 1.60
C GLU A 348 -12.35 0.99 0.90
N PHE A 349 -12.83 0.41 -0.18
CA PHE A 349 -13.97 0.96 -0.90
C PHE A 349 -15.21 0.95 -0.01
N PHE A 350 -15.45 -0.14 0.70
CA PHE A 350 -16.56 -0.24 1.63
C PHE A 350 -16.56 0.90 2.66
N GLU A 351 -15.43 1.12 3.32
N GLU A 351 -15.42 1.12 3.30
CA GLU A 351 -15.35 2.13 4.36
CA GLU A 351 -15.32 2.12 4.34
C GLU A 351 -15.53 3.52 3.74
C GLU A 351 -15.53 3.52 3.74
N VAL A 352 -14.97 3.78 2.55
CA VAL A 352 -15.15 5.10 1.92
C VAL A 352 -16.61 5.34 1.58
N ALA A 353 -17.26 4.35 0.95
CA ALA A 353 -18.65 4.51 0.53
C ALA A 353 -19.62 4.58 1.69
N ASN A 354 -19.36 3.77 2.74
CA ASN A 354 -20.40 3.46 3.71
C ASN A 354 -20.11 4.08 5.07
N ASP A 355 -18.97 4.77 5.21
CA ASP A 355 -18.66 5.45 6.45
C ASP A 355 -18.08 6.86 6.22
N VAL A 356 -17.04 6.94 5.40
CA VAL A 356 -16.31 8.19 5.25
C VAL A 356 -17.12 9.22 4.47
N ILE A 357 -17.61 8.84 3.29
CA ILE A 357 -18.39 9.76 2.49
C ILE A 357 -19.64 10.17 3.28
N PRO A 358 -20.41 9.25 3.88
CA PRO A 358 -21.58 9.66 4.66
C PRO A 358 -21.27 10.69 5.76
N ASN A 359 -20.16 10.49 6.49
N ASN A 359 -20.16 10.50 6.47
CA ASN A 359 -19.73 11.41 7.54
CA ASN A 359 -19.78 11.41 7.55
C ASN A 359 -19.47 12.80 6.95
C ASN A 359 -19.46 12.79 6.97
N LEU A 360 -18.71 12.81 5.85
CA LEU A 360 -18.35 14.05 5.19
C LEU A 360 -19.57 14.82 4.72
N LEU A 361 -20.53 14.11 4.11
CA LEU A 361 -21.70 14.75 3.54
C LEU A 361 -22.68 15.19 4.64
N LYS A 362 -22.73 14.43 5.77
CA LYS A 362 -23.56 14.86 6.91
C LYS A 362 -23.05 16.19 7.46
N GLU A 363 -21.72 16.32 7.63
CA GLU A 363 -21.15 17.59 8.08
C GLU A 363 -21.41 18.68 7.05
N ALA A 364 -21.20 18.40 5.76
CA ALA A 364 -21.47 19.40 4.74
C ALA A 364 -22.91 19.87 4.77
N ALA A 365 -23.87 18.98 5.08
CA ALA A 365 -25.27 19.32 5.16
C ALA A 365 -25.51 20.29 6.33
N SER A 366 -24.88 20.05 7.47
CA SER A 366 -25.04 20.96 8.61
C SER A 366 -24.44 22.31 8.28
N LEU A 367 -23.28 22.34 7.61
CA LEU A 367 -22.61 23.59 7.29
C LEU A 367 -23.43 24.35 6.25
N LEU A 368 -24.10 23.63 5.31
CA LEU A 368 -24.97 24.29 4.35
C LEU A 368 -26.13 24.97 5.06
N GLU A 369 -26.72 24.30 6.06
CA GLU A 369 -27.78 24.86 6.89
C GLU A 369 -27.29 26.17 7.50
N ALA A 370 -26.00 26.25 7.85
CA ALA A 370 -25.45 27.40 8.53
C ALA A 370 -24.94 28.44 7.54
N GLY A 371 -25.18 28.26 6.25
CA GLY A 371 -24.96 29.32 5.28
C GLY A 371 -23.65 29.21 4.52
N SER A 372 -23.05 28.02 4.43
CA SER A 372 -21.84 27.92 3.66
C SER A 372 -22.10 28.26 2.20
N GLN A 373 -21.06 28.79 1.56
CA GLN A 373 -21.03 29.06 0.13
C GLN A 373 -19.95 28.19 -0.50
N GLY A 374 -20.14 27.91 -1.78
CA GLY A 374 -19.25 27.01 -2.50
C GLY A 374 -19.31 25.58 -1.95
N SER A 375 -20.40 25.22 -1.23
CA SER A 375 -20.58 23.88 -0.68
C SER A 375 -20.47 22.83 -1.78
N ALA A 376 -19.81 21.69 -1.51
CA ALA A 376 -19.85 20.57 -2.43
C ALA A 376 -21.32 20.17 -2.71
N LEU A 377 -22.24 20.33 -1.75
CA LEU A 377 -23.62 19.86 -1.90
C LEU A 377 -24.34 20.73 -2.92
N GLN A 378 -23.80 21.92 -3.23
CA GLN A 378 -24.42 22.77 -4.26
C GLN A 378 -23.63 22.75 -5.55
N ASP A 379 -22.65 21.83 -5.66
CA ASP A 379 -21.79 21.82 -6.83
C ASP A 379 -22.13 20.57 -7.63
N PRO A 380 -22.71 20.68 -8.82
CA PRO A 380 -22.98 19.49 -9.64
C PRO A 380 -21.75 18.66 -10.02
N GLU A 381 -20.57 19.29 -10.09
CA GLU A 381 -19.34 18.55 -10.34
C GLU A 381 -19.06 17.55 -9.19
N CYS A 382 -19.38 17.95 -7.96
CA CYS A 382 -19.27 17.07 -6.80
C CYS A 382 -20.23 15.89 -6.88
N PHE A 383 -21.48 16.12 -7.28
CA PHE A 383 -22.42 15.06 -7.50
C PHE A 383 -21.89 14.15 -8.61
N ALA A 384 -21.34 14.71 -9.71
CA ALA A 384 -20.77 13.86 -10.76
C ALA A 384 -19.65 12.96 -10.21
N HIS A 385 -18.82 13.48 -9.30
CA HIS A 385 -17.72 12.67 -8.77
C HIS A 385 -18.29 11.49 -8.00
N LEU A 386 -19.30 11.77 -7.16
CA LEU A 386 -19.99 10.72 -6.40
C LEU A 386 -20.51 9.64 -7.34
N LEU A 387 -21.14 10.06 -8.45
CA LEU A 387 -21.69 9.08 -9.38
C LEU A 387 -20.58 8.29 -10.08
N ARG A 388 -19.47 8.94 -10.41
CA ARG A 388 -18.35 8.27 -11.04
C ARG A 388 -17.71 7.22 -10.12
N PHE A 389 -17.65 7.52 -8.84
CA PHE A 389 -17.21 6.59 -7.81
C PHE A 389 -18.05 5.33 -7.82
N TYR A 390 -19.38 5.47 -7.73
CA TYR A 390 -20.25 4.30 -7.78
C TYR A 390 -20.15 3.60 -9.12
N ASP A 391 -20.04 4.33 -10.24
CA ASP A 391 -19.92 3.70 -11.55
C ASP A 391 -18.73 2.75 -11.62
N GLY A 392 -17.59 3.19 -11.09
CA GLY A 392 -16.39 2.37 -11.17
C GLY A 392 -16.53 1.09 -10.35
N ILE A 393 -17.15 1.20 -9.17
CA ILE A 393 -17.39 0.07 -8.31
C ILE A 393 -18.32 -0.92 -9.01
N CYS A 394 -19.37 -0.40 -9.63
CA CYS A 394 -20.29 -1.27 -10.34
C CYS A 394 -19.59 -1.94 -11.52
N LYS A 395 -18.71 -1.23 -12.23
CA LYS A 395 -18.01 -1.80 -13.40
C LYS A 395 -17.05 -2.89 -12.95
N TRP A 396 -16.32 -2.63 -11.85
CA TRP A 396 -15.47 -3.62 -11.19
C TRP A 396 -16.16 -4.95 -11.03
N GLU A 397 -17.38 -4.92 -10.51
CA GLU A 397 -18.15 -6.09 -10.21
C GLU A 397 -18.49 -6.88 -11.49
N GLU A 398 -18.64 -6.21 -12.63
CA GLU A 398 -18.99 -6.86 -13.90
C GLU A 398 -17.92 -7.88 -14.30
N GLY A 399 -18.39 -9.12 -14.50
CA GLY A 399 -17.53 -10.21 -14.95
C GLY A 399 -16.59 -10.73 -13.87
N SER A 400 -16.82 -10.31 -12.62
CA SER A 400 -16.00 -10.78 -11.52
C SER A 400 -16.53 -12.10 -11.03
N PRO A 401 -15.63 -12.98 -10.54
CA PRO A 401 -16.09 -14.27 -10.04
C PRO A 401 -16.86 -14.21 -8.72
N THR A 402 -16.79 -13.06 -8.01
CA THR A 402 -17.51 -12.87 -6.75
C THR A 402 -18.11 -11.46 -6.82
N PRO A 403 -19.36 -11.25 -6.32
CA PRO A 403 -20.00 -9.93 -6.35
C PRO A 403 -19.38 -8.93 -5.38
N VAL A 404 -19.67 -7.63 -5.60
CA VAL A 404 -19.19 -6.57 -4.74
C VAL A 404 -20.35 -5.96 -3.94
N LEU A 405 -21.41 -5.54 -4.65
CA LEU A 405 -22.49 -4.79 -4.07
C LEU A 405 -23.53 -5.66 -3.41
N HIS A 406 -24.19 -5.07 -2.42
CA HIS A 406 -25.28 -5.68 -1.67
C HIS A 406 -26.13 -4.58 -1.05
N VAL A 407 -27.27 -4.96 -0.45
CA VAL A 407 -28.23 -3.96 -0.02
C VAL A 407 -27.66 -3.03 1.06
N GLY A 408 -26.63 -3.48 1.79
CA GLY A 408 -25.98 -2.62 2.79
C GLY A 408 -25.37 -1.39 2.11
N TRP A 409 -24.85 -1.59 0.91
CA TRP A 409 -24.35 -0.45 0.13
C TRP A 409 -25.49 0.46 -0.33
N ALA A 410 -26.64 -0.14 -0.66
CA ALA A 410 -27.73 0.64 -1.23
C ALA A 410 -28.29 1.67 -0.26
N THR A 411 -28.37 1.35 1.02
CA THR A 411 -28.88 2.30 2.02
C THR A 411 -28.03 3.57 2.05
N PHE A 412 -26.72 3.39 2.00
CA PHE A 412 -25.82 4.55 2.01
C PHE A 412 -25.85 5.31 0.70
N LEU A 413 -25.94 4.62 -0.46
CA LEU A 413 -26.09 5.33 -1.72
C LEU A 413 -27.31 6.22 -1.69
N VAL A 414 -28.47 5.69 -1.26
CA VAL A 414 -29.67 6.52 -1.21
C VAL A 414 -29.50 7.74 -0.30
N GLN A 415 -28.86 7.55 0.84
CA GLN A 415 -28.66 8.63 1.79
C GLN A 415 -27.76 9.69 1.18
N SER A 416 -26.66 9.23 0.56
CA SER A 416 -25.70 10.14 -0.04
C SER A 416 -26.32 10.93 -1.20
N LEU A 417 -27.07 10.27 -2.09
CA LEU A 417 -27.75 11.00 -3.15
C LEU A 417 -28.68 12.09 -2.60
N GLY A 418 -29.40 11.77 -1.51
CA GLY A 418 -30.37 12.66 -0.90
C GLY A 418 -29.74 13.91 -0.31
N ARG A 419 -28.42 13.90 -0.07
CA ARG A 419 -27.75 15.06 0.49
C ARG A 419 -27.71 16.21 -0.53
N PHE A 420 -27.88 15.88 -1.83
CA PHE A 420 -27.85 16.86 -2.89
C PHE A 420 -29.28 17.17 -3.33
N GLU A 421 -29.67 18.45 -3.35
CA GLU A 421 -31.00 18.80 -3.80
C GLU A 421 -31.20 18.41 -5.28
N GLY A 422 -32.45 18.18 -5.69
CA GLY A 422 -32.80 17.90 -7.07
C GLY A 422 -32.28 18.93 -8.06
N GLN A 423 -32.34 20.23 -7.70
CA GLN A 423 -31.89 21.30 -8.57
C GLN A 423 -30.39 21.19 -8.84
N VAL A 424 -29.64 20.55 -7.93
CA VAL A 424 -28.23 20.36 -8.15
C VAL A 424 -28.00 19.10 -8.97
N ARG A 425 -28.69 18.01 -8.58
CA ARG A 425 -28.52 16.74 -9.27
C ARG A 425 -28.91 16.81 -10.76
N GLN A 426 -29.94 17.61 -11.04
CA GLN A 426 -30.46 17.72 -12.41
C GLN A 426 -29.47 18.40 -13.35
N LYS A 427 -28.45 19.09 -12.83
CA LYS A 427 -27.46 19.78 -13.64
C LYS A 427 -26.40 18.85 -14.21
N VAL A 428 -26.33 17.59 -13.75
CA VAL A 428 -25.30 16.75 -14.31
C VAL A 428 -25.85 16.14 -15.60
N ARG A 429 -25.04 16.20 -16.67
CA ARG A 429 -25.49 15.58 -17.92
C ARG A 429 -24.82 14.22 -18.08
N ILE A 430 -25.64 13.17 -18.17
CA ILE A 430 -25.11 11.81 -18.28
C ILE A 430 -25.24 11.45 -19.75
N VAL A 431 -24.09 11.29 -20.40
CA VAL A 431 -24.05 11.07 -21.84
C VAL A 431 -23.64 9.64 -22.13
N SER A 432 -24.28 9.10 -23.18
CA SER A 432 -24.07 7.74 -23.65
C SER A 432 -22.77 7.64 -24.43
N VAL A 433 -22.17 6.44 -24.41
CA VAL A 433 -21.22 6.04 -25.43
C VAL A 433 -21.89 4.95 -26.28
N PRO A 434 -21.99 5.12 -27.62
CA PRO A 434 -21.35 6.23 -28.33
C PRO A 434 -22.08 7.57 -28.21
N PRO A 445 -21.38 20.05 -15.84
CA PRO A 445 -20.69 18.79 -15.66
C PRO A 445 -21.26 17.74 -16.61
N VAL A 446 -20.37 16.88 -17.09
CA VAL A 446 -20.78 15.86 -18.02
C VAL A 446 -20.09 14.58 -17.61
N LEU A 447 -20.85 13.49 -17.64
CA LEU A 447 -20.32 12.22 -17.16
C LEU A 447 -20.75 11.14 -18.13
N THR A 448 -19.89 10.13 -18.35
CA THR A 448 -20.28 8.93 -19.07
C THR A 448 -20.19 7.76 -18.09
N PHE A 449 -21.23 6.94 -18.05
CA PHE A 449 -21.18 5.73 -17.27
C PHE A 449 -20.65 4.57 -18.10
N GLN A 450 -19.80 3.80 -17.44
CA GLN A 450 -19.26 2.55 -17.97
C GLN A 450 -20.05 1.33 -17.53
N SER A 451 -20.68 1.36 -16.34
CA SER A 451 -21.36 0.22 -15.76
C SER A 451 -22.81 0.16 -16.23
N GLU A 452 -23.31 -1.07 -16.48
CA GLU A 452 -24.73 -1.22 -16.78
C GLU A 452 -25.61 -0.84 -15.58
N LYS A 453 -25.17 -1.10 -14.36
CA LYS A 453 -25.97 -0.70 -13.21
C LYS A 453 -26.27 0.79 -13.21
N MET A 454 -25.22 1.62 -13.35
CA MET A 454 -25.45 3.06 -13.29
C MET A 454 -26.19 3.59 -14.51
N LYS A 455 -25.97 3.00 -15.70
CA LYS A 455 -26.73 3.41 -16.88
C LYS A 455 -28.23 3.25 -16.63
N GLY A 456 -28.62 2.13 -15.99
CA GLY A 456 -30.02 1.88 -15.71
C GLY A 456 -30.59 2.78 -14.61
N MET A 457 -29.71 3.41 -13.84
N MET A 457 -29.68 3.38 -13.84
CA MET A 457 -30.14 4.21 -12.70
CA MET A 457 -29.98 4.24 -12.69
C MET A 457 -30.28 5.68 -13.09
C MET A 457 -30.29 5.67 -13.10
N LYS A 458 -29.89 6.06 -14.31
CA LYS A 458 -29.70 7.44 -14.70
C LYS A 458 -30.96 8.29 -14.43
N GLU A 459 -32.14 7.84 -14.85
CA GLU A 459 -33.33 8.66 -14.70
C GLU A 459 -33.74 8.82 -13.24
N LEU A 460 -33.47 7.82 -12.39
CA LEU A 460 -33.76 7.86 -10.96
C LEU A 460 -32.86 8.86 -10.23
N LEU A 461 -31.70 9.16 -10.81
CA LEU A 461 -30.66 9.88 -10.06
C LEU A 461 -30.98 11.36 -10.02
N VAL A 462 -31.73 11.81 -11.03
CA VAL A 462 -31.90 13.23 -11.28
C VAL A 462 -33.35 13.63 -11.01
N ALA A 463 -34.13 12.72 -10.40
CA ALA A 463 -35.53 12.97 -10.10
C ALA A 463 -35.66 13.76 -8.80
N THR A 464 -36.68 14.65 -8.75
CA THR A 464 -36.81 15.62 -7.67
C THR A 464 -36.84 14.88 -6.34
N LYS A 465 -37.52 13.74 -6.31
CA LYS A 465 -37.68 12.93 -5.11
C LYS A 465 -37.02 11.59 -5.38
N ILE A 466 -36.12 11.15 -4.47
CA ILE A 466 -35.31 9.96 -4.71
C ILE A 466 -36.16 8.72 -4.47
N ASN A 467 -36.35 7.88 -5.49
CA ASN A 467 -37.07 6.62 -5.29
C ASN A 467 -36.15 5.57 -4.66
N SER A 468 -36.17 5.44 -3.33
CA SER A 468 -35.28 4.57 -2.59
C SER A 468 -35.35 3.10 -3.01
N SER A 469 -36.57 2.53 -3.09
N SER A 469 -36.59 2.54 -3.08
CA SER A 469 -36.72 1.13 -3.37
CA SER A 469 -36.78 1.13 -3.41
C SER A 469 -36.24 0.83 -4.79
C SER A 469 -36.20 0.85 -4.78
N ALA A 470 -36.50 1.73 -5.75
CA ALA A 470 -36.11 1.48 -7.15
C ALA A 470 -34.57 1.49 -7.24
N ILE A 471 -33.94 2.46 -6.55
CA ILE A 471 -32.47 2.52 -6.46
C ILE A 471 -31.86 1.27 -5.88
N LYS A 472 -32.37 0.78 -4.73
CA LYS A 472 -31.96 -0.47 -4.14
C LYS A 472 -32.04 -1.58 -5.15
N LEU A 473 -33.17 -1.69 -5.87
CA LEU A 473 -33.31 -2.80 -6.80
C LEU A 473 -32.25 -2.71 -7.91
N GLN A 474 -31.96 -1.50 -8.36
CA GLN A 474 -31.03 -1.32 -9.48
C GLN A 474 -29.59 -1.60 -9.05
N LEU A 475 -29.24 -1.23 -7.83
CA LEU A 475 -27.87 -1.40 -7.36
C LEU A 475 -27.57 -2.85 -7.06
N THR A 476 -28.56 -3.65 -6.62
CA THR A 476 -28.28 -4.98 -6.09
C THR A 476 -28.76 -6.06 -7.05
N ALA A 477 -29.51 -5.62 -8.04
CA ALA A 477 -30.15 -6.37 -9.08
C ALA A 477 -31.10 -7.36 -8.41
N GLN A 478 -31.76 -6.86 -7.33
CA GLN A 478 -32.72 -7.63 -6.58
C GLN A 478 -33.92 -7.72 -7.51
N SER A 479 -34.41 -8.93 -7.70
CA SER A 479 -35.32 -9.18 -8.82
C SER A 479 -36.72 -8.75 -8.37
N GLN A 480 -37.01 -9.02 -7.09
CA GLN A 480 -38.39 -9.10 -6.61
C GLN A 480 -38.56 -8.34 -5.31
N VAL A 481 -39.79 -7.87 -5.06
CA VAL A 481 -40.13 -7.20 -3.81
C VAL A 481 -41.16 -8.02 -3.04
N GLN A 482 -41.29 -7.68 -1.74
CA GLN A 482 -41.82 -8.56 -0.69
C GLN A 482 -43.24 -8.96 -1.09
N MET A 483 -43.53 -10.26 -0.92
CA MET A 483 -44.70 -10.93 -1.47
C MET A 483 -45.97 -10.29 -0.91
N LYS A 484 -46.24 -10.49 0.37
CA LYS A 484 -47.42 -9.98 1.05
C LYS A 484 -47.45 -8.44 1.07
C1 K5O B . 4.51 3.42 1.86
N1 K5O B . 4.96 2.25 1.13
C2 K5O B . 4.24 1.11 1.02
N2 K5O B . 3.01 1.13 1.57
C3 K5O B . 2.21 0.05 1.44
N3 K5O B . 0.92 0.07 1.93
C4 K5O B . 0.35 1.28 2.50
C5 K5O B . 0.23 1.10 3.99
C6 K5O B . -0.50 2.29 4.59
N4 K5O B . -1.82 2.48 3.99
C7 K5O B . -2.44 3.67 4.64
C8 K5O B . -3.82 4.02 4.15
C9 K5O B . -4.87 3.15 4.46
C10 K5O B . -6.17 3.42 4.07
C11 K5O B . -6.41 4.62 3.40
N5 K5O B . -7.61 5.18 2.92
C12 K5O B . -8.95 4.62 3.12
C13 K5O B . -9.40 4.72 4.57
C14 K5O B . -10.81 4.17 4.71
N6 K5O B . -9.34 5.98 5.35
C15 K5O B . -8.03 6.36 5.85
C16 K5O B . -8.14 7.47 6.86
N7 K5O B . -8.84 8.61 6.23
C17 K5O B . -10.16 8.28 5.69
C18 K5O B . -10.06 7.10 4.76
S1 K5O B . -8.72 10.03 7.04
C19 K5O B . -9.42 9.80 8.63
O1 K5O B . -7.31 10.23 7.15
O2 K5O B . -9.46 10.99 6.29
C20 K5O B . -7.32 6.41 2.36
C21 K5O B . -5.96 6.64 2.45
C22 K5O B . -5.39 5.53 3.12
C23 K5O B . -4.05 5.21 3.45
C24 K5O B . -2.98 6.23 3.11
C25 K5O B . -8.32 7.24 1.78
N8 K5O B . -9.17 7.87 1.37
C26 K5O B . -1.70 2.70 2.57
C27 K5O B . -1.02 1.52 1.89
C28 K5O B . 2.75 -1.10 0.83
C29 K5O B . 2.22 -2.46 0.65
C30 K5O B . 3.09 -3.31 0.04
C31 K5O B . 2.92 -4.75 -0.27
C32 K5O B . 3.37 -5.61 0.89
F1 K5O B . 3.12 -6.92 0.70
F2 K5O B . 2.86 -5.35 2.08
F3 K5O B . 4.70 -5.51 1.02
S2 K5O B . 4.57 -2.53 -0.39
C33 K5O B . 4.06 -1.04 0.32
N9 K5O B . 4.80 0.05 0.41
H1 K5O B . 3.53 3.42 1.91
H2 K5O B . 4.81 4.23 1.39
H3 K5O B . 4.88 3.41 2.76
H4 K5O B . 5.74 2.28 0.74
H5 K5O B . 0.44 -0.66 1.90
H6 K5O B . 0.94 2.05 2.31
H7 K5O B . -0.26 0.27 4.20
H8 K5O B . 1.14 1.04 4.39
H9 K5O B . 0.02 3.10 4.46
H10 K5O B . -0.61 2.16 5.54
H12 K5O B . -1.85 4.44 4.50
H13 K5O B . -2.48 3.52 5.60
H14 K5O B . -4.69 2.35 4.90
H15 K5O B . -6.88 2.83 4.29
H16 K5O B . -8.94 3.68 2.84
H17 K5O B . -9.59 5.09 2.55
H18 K5O B . -8.85 4.06 5.08
H19 K5O B . -11.16 4.39 5.59
H20 K5O B . -10.81 3.21 4.60
H21 K5O B . -11.39 4.57 4.03
H23 K5O B . -7.61 5.59 6.27
H24 K5O B . -7.47 6.66 5.12
H25 K5O B . -7.24 7.74 7.15
H26 K5O B . -8.64 7.16 7.64
H27 K5O B . -10.52 9.04 5.21
H28 K5O B . -10.77 8.05 6.42
H29 K5O B . -10.95 6.81 4.51
H30 K5O B . -9.60 7.38 3.95
H31 K5O B . -9.79 8.91 8.70
H32 K5O B . -10.12 10.46 8.77
H33 K5O B . -8.72 9.91 9.31
H34 K5O B . -5.51 7.39 2.11
H35 K5O B . -2.10 5.90 3.37
H36 K5O B . -3.14 7.06 3.58
H37 K5O B . -2.99 6.40 2.15
H38 K5O B . -1.18 3.51 2.40
H39 K5O B . -2.58 2.83 2.17
H40 K5O B . -1.57 0.71 2.00
H41 K5O B . -0.91 1.70 0.92
H42 K5O B . 1.34 -2.71 0.92
H43 K5O B . 3.44 -4.97 -1.06
H44 K5O B . 1.98 -4.93 -0.46
C1 PEG C . 22.68 4.43 -8.76
O1 PEG C . 21.46 4.57 -9.47
C2 PEG C . 23.20 5.74 -8.25
O2 PEG C . 24.55 5.91 -8.69
C3 PEG C . 25.50 6.11 -7.65
C4 PEG C . 26.47 4.97 -7.66
O4 PEG C . 26.55 4.33 -6.41
H11 PEG C . 23.35 4.02 -9.35
H12 PEG C . 22.52 3.82 -8.01
HO1 PEG C . 21.21 3.80 -9.71
H21 PEG C . 23.17 5.75 -7.27
H22 PEG C . 22.64 6.47 -8.58
H31 PEG C . 25.05 6.16 -6.79
H32 PEG C . 25.99 6.95 -7.81
H41 PEG C . 27.36 5.29 -7.92
H42 PEG C . 26.19 4.30 -8.33
HO4 PEG C . 26.84 4.91 -5.82
C1 PEG D . -0.04 -19.03 8.43
O1 PEG D . -1.17 -18.58 9.13
C2 PEG D . 0.95 -17.95 8.27
O2 PEG D . 2.25 -18.49 8.33
C3 PEG D . 2.93 -18.21 9.56
C4 PEG D . 4.22 -18.96 9.62
O4 PEG D . 4.53 -19.39 10.93
H11 PEG D . -0.31 -19.34 7.53
H12 PEG D . 0.37 -19.78 8.91
HO1 PEG D . -1.71 -19.24 9.22
H21 PEG D . 0.82 -17.27 8.98
H22 PEG D . 0.82 -17.50 7.40
H31 PEG D . 2.36 -18.47 10.30
H32 PEG D . 3.11 -17.24 9.63
H41 PEG D . 4.95 -18.40 9.29
H42 PEG D . 4.16 -19.74 9.03
HO4 PEG D . 4.06 -20.08 11.12
S SO4 E . 32.43 8.40 18.39
O1 SO4 E . 33.16 9.61 18.61
O2 SO4 E . 32.39 7.62 19.61
O3 SO4 E . 31.09 8.71 17.96
O4 SO4 E . 33.09 7.64 17.35
S DMS F . 20.42 0.54 24.75
O DMS F . 20.13 0.43 23.29
C1 DMS F . 19.31 1.72 25.44
C2 DMS F . 21.93 1.47 24.85
H11 DMS F . 19.20 1.56 26.39
H12 DMS F . 18.44 1.64 25.01
H13 DMS F . 19.66 2.61 25.30
H21 DMS F . 21.84 2.27 24.31
H22 DMS F . 22.66 0.93 24.50
H23 DMS F . 22.11 1.71 25.76
O1 PG4 G . 10.28 11.49 29.86
C1 PG4 G . 11.35 11.31 30.76
C2 PG4 G . 12.55 10.74 30.11
O2 PG4 G . 12.23 10.12 28.86
C3 PG4 G . 12.45 10.94 27.72
C4 PG4 G . 13.26 10.26 26.63
O3 PG4 G . 13.90 11.25 25.82
C5 PG4 G . 13.00 12.06 25.04
C6 PG4 G . 13.40 13.52 24.93
O4 PG4 G . 12.47 14.35 25.65
C7 PG4 G . 11.74 15.30 24.87
C8 PG4 G . 10.70 16.00 25.71
O5 PG4 G . 9.53 15.23 25.90
HO1 PG4 G . 9.60 11.80 30.20
H11 PG4 G . 11.06 10.71 31.48
H12 PG4 G . 11.58 12.18 31.17
H21 PG4 G . 12.97 10.08 30.71
H22 PG4 G . 13.20 11.46 29.95
H31 PG4 G . 12.91 11.75 27.99
H32 PG4 G . 11.57 11.21 27.35
H41 PG4 G . 12.66 9.71 26.06
H42 PG4 G . 13.92 9.67 27.03
H51 PG4 G . 12.10 12.00 25.44
H52 PG4 G . 12.94 11.67 24.14
H61 PG4 G . 13.42 13.79 23.98
H62 PG4 G . 14.31 13.65 25.31
H71 PG4 G . 11.30 14.85 24.13
H72 PG4 G . 12.37 15.96 24.50
H81 PG4 G . 10.46 16.85 25.29
H82 PG4 G . 11.09 16.20 26.60
HO5 PG4 G . 9.73 14.48 26.25
S SO4 H . 3.34 -13.66 20.41
O1 SO4 H . 3.19 -12.86 19.24
O2 SO4 H . 2.98 -12.86 21.57
O3 SO4 H . 2.48 -14.82 20.34
O4 SO4 H . 4.72 -14.09 20.47
O1 PG4 I . 18.21 11.82 -10.03
C1 PG4 I . 17.00 12.04 -10.71
C2 PG4 I . 15.82 12.13 -9.78
O2 PG4 I . 15.99 13.17 -8.80
C3 PG4 I . 14.82 13.41 -8.01
C4 PG4 I . 13.64 13.84 -8.87
O3 PG4 I . 12.50 14.21 -8.10
C5 PG4 I . 11.76 13.12 -7.56
C6 PG4 I . 10.37 13.09 -8.12
O4 PG4 I . 9.84 11.76 -8.07
C7 PG4 I . 8.52 11.69 -8.59
C8 PG4 I . 8.46 10.88 -9.85
O5 PG4 I . 7.36 11.24 -10.69
HO1 PG4 I . 18.86 11.74 -10.49
H11 PG4 I . 16.85 11.31 -11.34
H12 PG4 I . 17.08 12.87 -11.22
H21 PG4 I . 15.70 11.28 -9.32
H22 PG4 I . 15.01 12.31 -10.30
H31 PG4 I . 15.02 14.11 -7.35
H32 PG4 I . 14.59 12.59 -7.51
H41 PG4 I . 13.39 13.10 -9.47
H42 PG4 I . 13.91 14.59 -9.44
H51 PG4 I . 11.72 13.20 -6.58
H52 PG4 I . 12.22 12.28 -7.76
H61 PG4 I . 10.39 13.41 -9.04
H62 PG4 I . 9.80 13.69 -7.60
H71 PG4 I . 8.18 12.59 -8.76
H72 PG4 I . 7.93 11.27 -7.92
H81 PG4 I . 8.39 9.94 -9.63
H82 PG4 I . 9.29 11.02 -10.35
HO5 PG4 I . 6.64 11.11 -10.26
S SO4 J . -16.10 21.74 0.13
O1 SO4 J . -15.85 23.17 0.08
O2 SO4 J . -15.37 21.16 1.23
O3 SO4 J . -17.54 21.50 0.37
O4 SO4 J . -15.64 21.16 -1.18
S DMS K . 4.88 -1.82 4.24
O DMS K . 4.59 -1.04 5.48
C1 DMS K . 5.71 -3.24 4.78
C2 DMS K . 6.20 -0.95 3.46
H11 DMS K . 5.93 -3.80 4.02
H12 DMS K . 5.15 -3.74 5.39
H13 DMS K . 6.52 -2.99 5.24
H21 DMS K . 6.98 -0.98 4.05
H22 DMS K . 5.94 -0.04 3.30
H23 DMS K . 6.41 -1.39 2.62
C1 EDO L . 9.60 -21.57 19.44
O1 EDO L . 9.43 -20.16 19.49
C2 EDO L . 8.31 -22.26 19.25
O2 EDO L . 8.17 -22.61 17.90
H11 EDO L . 10.02 -21.88 20.27
H12 EDO L . 10.19 -21.79 18.69
HO1 EDO L . 10.20 -19.81 19.58
H21 EDO L . 7.58 -21.66 19.52
H22 EDO L . 8.28 -23.05 19.82
HO2 EDO L . 8.63 -23.30 17.75
#